data_1WET
#
_entry.id   1WET
#
_cell.length_a   175.990
_cell.length_b   95.080
_cell.length_c   81.510
_cell.angle_alpha   90.00
_cell.angle_beta   90.00
_cell.angle_gamma   90.00
#
_symmetry.space_group_name_H-M   'C 2 2 21'
#
loop_
_entity.id
_entity.type
_entity.pdbx_description
1 polymer "DNA (5'-D(*AP*AP*CP*GP*AP*AP*AP*AP*CP*GP*TP*TP*TP*TP*CP*GP*T )-3')"
2 polymer 'PROTEIN (PURINE REPRESSOR)'
3 non-polymer GUANINE
4 water water
#
loop_
_entity_poly.entity_id
_entity_poly.type
_entity_poly.pdbx_seq_one_letter_code
_entity_poly.pdbx_strand_id
1 'polydeoxyribonucleotide' (DA)(DA)(DC)(DG)(DA)(DA)(DA)(DA)(DC)(DG)(DT)(DT)(DT)(DT)(DC)(DG)(DT) B
2 'polypeptide(L)'
;ATIKDVAKRANVSTTTVSHVINKTRFVAEETRNAVWAAIKELHYSPSAVARSLKVNHTKSIGLLATSSEAAYFAEIIEAV
EKNCFQKGYTLILGNAWNNLEKQRAYLSMMAQKRVDGLLVMCSEYPEPLLAMLEEYRHIPMVVMDWGEAKADFTDAVIDN
AFEGGYMAGRYLIERGHREIGVIPGPLERNTGAGRLAGFMKAMEEAMIKVPESWIVQGDFEPESGYRAMQQILSQPHRPT
AVFCGGDIMAMGALCAADEMGLRVPQDVSLIGYDNVRNARYFTPALTTIHQPKDSLGETAFNMLLDRIVNKREEPQSIEV
HPRLIERRSVADGPFRDYRR
;
A
#
# COMPACT_ATOMS: atom_id res chain seq x y z
N THR B 2 29.07 25.79 13.48
CA THR B 2 29.61 24.73 14.36
C THR B 2 30.70 23.92 13.67
N ILE B 3 30.65 23.78 12.34
CA ILE B 3 31.75 23.10 11.68
C ILE B 3 32.96 24.06 11.89
N LYS B 4 32.67 25.36 11.93
CA LYS B 4 33.69 26.37 12.16
C LYS B 4 34.30 26.09 13.53
N ASP B 5 33.44 25.73 14.44
CA ASP B 5 34.00 25.46 15.74
C ASP B 5 34.83 24.23 15.65
N VAL B 6 34.43 23.30 14.83
CA VAL B 6 35.25 22.09 14.79
C VAL B 6 36.61 22.37 14.17
N ALA B 7 36.61 23.07 13.04
CA ALA B 7 37.83 23.35 12.32
C ALA B 7 38.92 23.95 13.23
N LYS B 8 38.44 24.85 14.07
CA LYS B 8 39.24 25.57 15.05
C LYS B 8 39.88 24.74 16.17
N ARG B 9 39.08 23.85 16.76
CA ARG B 9 39.58 23.04 17.83
C ARG B 9 40.72 22.22 17.28
N ALA B 10 40.57 21.90 15.99
CA ALA B 10 41.51 21.10 15.23
C ALA B 10 42.59 21.88 14.51
N ASN B 11 42.36 23.18 14.35
CA ASN B 11 43.29 24.04 13.63
C ASN B 11 43.60 23.54 12.27
N VAL B 12 42.52 23.54 11.51
CA VAL B 12 42.47 23.15 10.13
C VAL B 12 41.25 23.88 9.62
N SER B 13 41.08 23.85 8.33
CA SER B 13 39.98 24.55 7.74
C SER B 13 38.76 23.70 7.67
N THR B 14 37.62 24.37 7.81
CA THR B 14 36.30 23.78 7.72
C THR B 14 36.29 22.91 6.45
N THR B 15 36.94 23.42 5.41
CA THR B 15 37.03 22.69 4.16
C THR B 15 37.62 21.27 4.47
N THR B 16 38.75 21.29 5.17
CA THR B 16 39.42 20.08 5.56
C THR B 16 38.42 19.28 6.36
N VAL B 17 37.76 19.95 7.31
CA VAL B 17 36.79 19.23 8.14
C VAL B 17 35.76 18.50 7.30
N SER B 18 35.12 19.25 6.45
CA SER B 18 34.14 18.70 5.60
C SER B 18 34.81 17.71 4.70
N HIS B 19 36.12 17.79 4.50
CA HIS B 19 36.59 16.78 3.59
C HIS B 19 36.65 15.47 4.28
N VAL B 20 37.04 15.52 5.55
CA VAL B 20 37.13 14.28 6.27
C VAL B 20 35.84 13.65 6.65
N ILE B 21 34.90 14.52 6.96
CA ILE B 21 33.60 14.08 7.36
C ILE B 21 32.94 13.39 6.20
N ASN B 22 33.38 13.67 5.00
CA ASN B 22 32.74 12.99 3.92
C ASN B 22 33.64 12.33 2.95
N LYS B 23 34.87 12.04 3.41
CA LYS B 23 35.92 11.36 2.65
C LYS B 23 35.78 11.82 1.23
N THR B 24 35.94 13.07 1.00
CA THR B 24 35.69 13.46 -0.35
C THR B 24 36.97 13.88 -1.08
N ARG B 25 38.08 13.76 -0.38
CA ARG B 25 39.38 14.07 -0.97
C ARG B 25 40.33 13.49 0.12
N PHE B 26 41.59 13.17 -0.20
CA PHE B 26 42.53 12.57 0.76
C PHE B 26 43.02 13.55 1.84
N VAL B 27 43.12 13.08 3.09
CA VAL B 27 43.62 13.96 4.17
C VAL B 27 44.57 13.17 5.02
N ALA B 28 45.68 13.80 5.38
CA ALA B 28 46.66 13.15 6.24
C ALA B 28 45.95 12.54 7.49
N GLU B 29 46.40 11.36 7.87
CA GLU B 29 45.85 10.66 9.04
C GLU B 29 45.89 11.62 10.20
N GLU B 30 47.09 12.09 10.45
CA GLU B 30 47.39 13.04 11.51
C GLU B 30 46.34 14.13 11.56
N THR B 31 46.19 14.83 10.46
CA THR B 31 45.17 15.83 10.37
C THR B 31 43.75 15.11 10.62
N ARG B 32 43.42 14.08 9.84
CA ARG B 32 42.14 13.36 9.94
C ARG B 32 41.68 13.01 11.35
N ASN B 33 42.59 12.52 12.17
CA ASN B 33 42.22 12.13 13.54
C ASN B 33 41.88 13.31 14.36
N ALA B 34 42.69 14.33 14.17
CA ALA B 34 42.47 15.53 14.91
C ALA B 34 41.02 16.04 14.66
N VAL B 35 40.60 16.02 13.39
CA VAL B 35 39.27 16.48 13.09
C VAL B 35 38.29 15.64 13.89
N TRP B 36 38.47 14.32 13.83
CA TRP B 36 37.57 13.47 14.57
C TRP B 36 37.54 13.84 16.03
N ALA B 37 38.77 13.96 16.55
CA ALA B 37 39.02 14.30 17.93
C ALA B 37 38.10 15.42 18.36
N ALA B 38 38.16 16.50 17.59
CA ALA B 38 37.34 17.65 17.84
C ALA B 38 35.89 17.26 17.60
N ILE B 39 35.65 16.64 16.45
CA ILE B 39 34.32 16.20 16.05
C ILE B 39 33.62 15.51 17.22
N LYS B 40 34.42 14.89 18.06
CA LYS B 40 33.89 14.16 19.21
C LYS B 40 33.87 14.84 20.57
N GLU B 41 34.74 15.78 20.88
CA GLU B 41 34.64 16.45 22.19
C GLU B 41 33.51 17.44 22.00
N LEU B 42 33.66 18.27 20.98
CA LEU B 42 32.62 19.21 20.70
C LEU B 42 31.26 18.57 20.51
N HIS B 43 31.24 17.25 20.39
CA HIS B 43 29.97 16.56 20.21
C HIS B 43 29.25 17.10 18.99
N TYR B 44 29.90 17.04 17.83
CA TYR B 44 29.35 17.55 16.59
C TYR B 44 28.38 16.70 15.81
N SER B 45 27.29 17.33 15.44
CA SER B 45 26.28 16.71 14.62
C SER B 45 26.19 17.61 13.40
N PRO B 46 26.72 17.13 12.33
CA PRO B 46 26.71 17.88 11.10
C PRO B 46 25.26 18.23 10.76
N SER B 47 24.99 19.43 10.27
CA SER B 47 23.59 19.76 9.93
C SER B 47 23.16 19.35 8.51
N ALA B 48 22.14 18.53 8.38
CA ALA B 48 21.74 18.20 7.03
C ALA B 48 20.99 19.36 6.45
N VAL B 49 20.49 20.25 7.28
CA VAL B 49 19.76 21.27 6.57
C VAL B 49 20.68 22.18 5.80
N ALA B 50 21.83 22.42 6.39
CA ALA B 50 22.79 23.23 5.69
C ALA B 50 23.16 22.46 4.43
N ARG B 51 23.59 21.20 4.61
CA ARG B 51 23.99 20.42 3.46
C ARG B 51 23.04 20.39 2.33
N SER B 52 21.84 19.96 2.64
CA SER B 52 20.82 19.89 1.63
C SER B 52 20.67 21.20 0.95
N LEU B 53 20.85 22.25 1.76
CA LEU B 53 20.75 23.62 1.29
C LEU B 53 21.69 23.76 0.12
N LYS B 54 22.89 23.21 0.24
CA LYS B 54 23.83 23.31 -0.88
C LYS B 54 23.64 22.25 -1.94
N VAL B 55 23.97 21.01 -1.56
CA VAL B 55 23.93 19.85 -2.46
C VAL B 55 22.59 19.64 -3.16
N ASN B 56 21.55 20.27 -2.65
CA ASN B 56 20.23 20.21 -3.31
C ASN B 56 19.47 18.90 -3.42
N HIS B 57 19.27 18.28 -2.28
CA HIS B 57 18.55 17.05 -2.19
C HIS B 57 18.52 16.81 -0.73
N THR B 58 17.43 16.23 -0.29
CA THR B 58 17.24 16.02 1.11
C THR B 58 17.42 14.65 1.63
N LYS B 59 17.56 13.70 0.69
CA LYS B 59 17.70 12.30 1.03
C LYS B 59 16.54 11.99 2.00
N SER B 60 15.37 12.45 1.59
CA SER B 60 14.19 12.24 2.39
C SER B 60 13.04 12.04 1.39
N ILE B 61 12.16 11.06 1.68
CA ILE B 61 11.04 10.78 0.76
C ILE B 61 9.67 10.86 1.48
N GLY B 62 8.66 11.35 0.76
CA GLY B 62 7.35 11.49 1.37
C GLY B 62 6.23 10.58 0.91
N LEU B 63 5.54 10.02 1.91
CA LEU B 63 4.39 9.10 1.75
C LEU B 63 3.10 9.88 1.91
N LEU B 64 2.43 10.11 0.81
CA LEU B 64 1.18 10.84 0.96
C LEU B 64 0.11 9.79 0.85
N ALA B 65 -0.13 9.21 2.00
CA ALA B 65 -1.07 8.13 2.21
C ALA B 65 -2.50 8.48 2.50
N THR B 66 -3.27 7.42 2.69
CA THR B 66 -4.66 7.62 3.02
C THR B 66 -4.86 7.53 4.52
N SER B 67 -4.41 6.44 5.11
CA SER B 67 -4.53 6.25 6.55
C SER B 67 -3.45 5.21 6.87
N SER B 68 -3.08 5.01 8.12
CA SER B 68 -2.02 4.04 8.39
C SER B 68 -2.35 2.99 9.43
N GLU B 69 -3.52 3.04 10.05
CA GLU B 69 -3.84 2.02 11.07
C GLU B 69 -4.14 0.77 10.26
N ALA B 70 -5.09 0.97 9.37
CA ALA B 70 -5.59 -0.01 8.42
C ALA B 70 -4.48 -0.97 8.02
N ALA B 71 -4.70 -2.14 8.58
CA ALA B 71 -3.83 -3.31 8.43
C ALA B 71 -3.14 -3.40 7.10
N TYR B 72 -3.97 -3.43 6.07
CA TYR B 72 -3.51 -3.52 4.67
C TYR B 72 -2.39 -2.45 4.50
N PHE B 73 -2.83 -1.22 4.64
CA PHE B 73 -1.96 -0.07 4.55
C PHE B 73 -0.72 -0.19 5.34
N ALA B 74 -0.94 -0.39 6.61
CA ALA B 74 0.12 -0.51 7.56
C ALA B 74 1.15 -1.42 7.10
N GLU B 75 0.69 -2.49 6.48
CA GLU B 75 1.68 -3.39 6.03
C GLU B 75 2.57 -2.85 4.95
N ILE B 76 1.98 -2.20 3.95
CA ILE B 76 2.78 -1.61 2.89
C ILE B 76 3.76 -0.56 3.42
N ILE B 77 3.26 0.28 4.26
CA ILE B 77 4.09 1.31 4.78
C ILE B 77 5.34 0.79 5.47
N GLU B 78 5.12 -0.22 6.32
CA GLU B 78 6.25 -0.78 7.03
C GLU B 78 7.33 -1.22 6.04
N ALA B 79 6.84 -1.66 4.90
CA ALA B 79 7.67 -2.12 3.81
C ALA B 79 8.51 -0.98 3.27
N VAL B 80 7.80 0.02 2.78
CA VAL B 80 8.42 1.19 2.25
C VAL B 80 9.46 1.74 3.23
N GLU B 81 9.11 1.91 4.51
CA GLU B 81 10.08 2.41 5.44
C GLU B 81 11.31 1.52 5.44
N LYS B 82 11.17 0.19 5.37
CA LYS B 82 12.39 -0.67 5.35
C LYS B 82 13.31 -0.19 4.21
N ASN B 83 12.71 -0.05 3.05
CA ASN B 83 13.48 0.39 1.93
C ASN B 83 14.13 1.75 2.09
N CYS B 84 13.43 2.67 2.74
CA CYS B 84 13.99 3.99 2.92
C CYS B 84 15.21 3.82 3.75
N PHE B 85 15.04 3.24 4.94
CA PHE B 85 16.18 3.05 5.83
C PHE B 85 17.34 2.36 5.14
N GLN B 86 16.98 1.36 4.35
CA GLN B 86 18.00 0.60 3.66
C GLN B 86 18.99 1.30 2.79
N LYS B 87 18.42 2.17 1.99
CA LYS B 87 19.09 3.03 1.03
C LYS B 87 19.26 4.47 1.56
N GLY B 88 19.43 4.57 2.86
CA GLY B 88 19.64 5.85 3.56
C GLY B 88 18.62 6.99 3.45
N TYR B 89 17.37 6.73 3.10
CA TYR B 89 16.39 7.82 3.04
C TYR B 89 15.56 7.92 4.32
N THR B 90 15.00 9.11 4.51
CA THR B 90 14.17 9.47 5.64
C THR B 90 12.69 9.48 5.15
N LEU B 91 11.76 8.82 5.86
CA LEU B 91 10.34 8.75 5.44
C LEU B 91 9.44 9.73 6.20
N ILE B 92 8.71 10.53 5.43
CA ILE B 92 7.82 11.49 6.02
C ILE B 92 6.54 10.91 5.64
N LEU B 93 5.80 10.58 6.68
CA LEU B 93 4.54 9.94 6.55
C LEU B 93 3.39 10.91 6.60
N GLY B 94 2.49 10.91 5.62
CA GLY B 94 1.36 11.85 5.77
C GLY B 94 -0.01 11.26 5.47
N ASN B 95 -0.94 11.28 6.42
CA ASN B 95 -2.24 10.72 6.07
C ASN B 95 -3.15 11.89 5.80
N ALA B 96 -3.88 11.82 4.68
CA ALA B 96 -4.81 12.83 4.17
C ALA B 96 -6.22 12.41 4.14
N TRP B 97 -6.42 11.21 4.68
CA TRP B 97 -7.72 10.65 4.86
C TRP B 97 -8.70 10.95 3.78
N ASN B 98 -8.23 10.81 2.56
CA ASN B 98 -9.11 11.04 1.47
C ASN B 98 -9.64 12.48 1.55
N ASN B 99 -8.97 13.34 2.31
CA ASN B 99 -9.45 14.69 2.38
C ASN B 99 -8.79 15.52 1.31
N LEU B 100 -9.52 16.19 0.49
CA LEU B 100 -8.79 16.94 -0.51
C LEU B 100 -7.87 18.09 0.06
N GLU B 101 -8.45 18.92 0.91
CA GLU B 101 -7.75 20.03 1.52
C GLU B 101 -6.58 19.48 2.21
N LYS B 102 -6.88 18.42 2.95
CA LYS B 102 -5.87 17.73 3.71
C LYS B 102 -4.78 17.34 2.74
N GLN B 103 -5.23 16.96 1.57
CA GLN B 103 -4.26 16.56 0.64
C GLN B 103 -3.52 17.68 0.05
N ARG B 104 -4.21 18.73 -0.38
CA ARG B 104 -3.43 19.85 -0.92
C ARG B 104 -2.47 20.37 0.18
N ALA B 105 -2.85 20.26 1.44
CA ALA B 105 -1.97 20.70 2.48
C ALA B 105 -0.71 19.85 2.66
N TYR B 106 -0.83 18.54 2.66
CA TYR B 106 0.38 17.79 2.86
C TYR B 106 1.27 17.93 1.67
N LEU B 107 0.66 17.89 0.49
CA LEU B 107 1.38 18.00 -0.77
C LEU B 107 2.31 19.16 -0.63
N SER B 108 1.71 20.30 -0.37
CA SER B 108 2.51 21.51 -0.17
C SER B 108 3.60 21.43 0.92
N MET B 109 3.28 20.97 2.12
CA MET B 109 4.31 20.91 3.14
C MET B 109 5.47 20.11 2.63
N MET B 110 5.13 19.09 1.89
CA MET B 110 6.15 18.25 1.37
C MET B 110 7.11 18.90 0.42
N ALA B 111 6.54 19.54 -0.59
CA ALA B 111 7.29 20.24 -1.64
C ALA B 111 8.16 21.29 -0.94
N GLN B 112 7.53 21.99 -0.04
CA GLN B 112 8.24 22.94 0.73
C GLN B 112 9.38 22.29 1.49
N LYS B 113 9.17 21.14 2.13
CA LYS B 113 10.33 20.49 2.83
C LYS B 113 11.27 19.83 1.72
N ARG B 114 10.84 19.89 0.47
CA ARG B 114 11.68 19.40 -0.59
C ARG B 114 12.13 17.96 -0.58
N VAL B 115 11.15 17.10 -0.59
CA VAL B 115 11.41 15.71 -0.59
C VAL B 115 11.98 15.38 -1.98
N ASP B 116 12.88 14.40 -2.00
CA ASP B 116 13.55 14.00 -3.22
C ASP B 116 12.63 13.32 -4.23
N GLY B 117 11.56 12.71 -3.69
CA GLY B 117 10.49 12.01 -4.44
C GLY B 117 9.15 11.89 -3.64
N LEU B 118 8.06 11.55 -4.29
CA LEU B 118 6.82 11.41 -3.56
C LEU B 118 6.15 10.08 -3.85
N LEU B 119 5.90 9.26 -2.83
CA LEU B 119 5.19 7.97 -2.96
C LEU B 119 3.69 8.30 -2.68
N VAL B 120 2.80 8.05 -3.64
CA VAL B 120 1.36 8.36 -3.43
C VAL B 120 0.45 7.19 -3.25
N MET B 121 -0.36 7.24 -2.19
CA MET B 121 -1.35 6.17 -1.90
C MET B 121 -2.59 6.84 -1.40
N CYS B 122 -3.32 7.39 -2.34
CA CYS B 122 -4.48 8.13 -1.99
C CYS B 122 -5.79 7.45 -2.12
N SER B 123 -5.80 6.24 -2.64
CA SER B 123 -7.09 5.53 -2.71
C SER B 123 -8.03 6.06 -3.74
N GLU B 124 -8.57 7.25 -3.58
CA GLU B 124 -9.50 7.68 -4.64
C GLU B 124 -8.87 8.85 -5.40
N TYR B 125 -9.10 8.91 -6.71
CA TYR B 125 -8.49 9.95 -7.52
C TYR B 125 -9.36 10.79 -8.42
N PRO B 126 -10.13 11.69 -7.84
CA PRO B 126 -10.98 12.58 -8.62
C PRO B 126 -10.13 13.52 -9.46
N GLU B 127 -10.76 14.08 -10.50
CA GLU B 127 -10.04 14.98 -11.36
C GLU B 127 -9.34 16.04 -10.51
N PRO B 128 -10.04 16.63 -9.56
CA PRO B 128 -9.37 17.60 -8.75
C PRO B 128 -8.11 17.09 -8.04
N LEU B 129 -8.00 15.80 -7.76
CA LEU B 129 -6.79 15.42 -7.10
C LEU B 129 -5.77 15.20 -8.18
N LEU B 130 -6.26 14.60 -9.26
CA LEU B 130 -5.40 14.30 -10.38
C LEU B 130 -4.72 15.61 -10.75
N ALA B 131 -5.53 16.66 -10.77
CA ALA B 131 -5.05 18.01 -11.07
C ALA B 131 -3.92 18.55 -10.14
N MET B 132 -4.13 18.47 -8.83
CA MET B 132 -3.14 18.96 -7.92
C MET B 132 -1.84 18.19 -8.14
N LEU B 133 -1.97 16.88 -8.25
CA LEU B 133 -0.83 16.00 -8.44
C LEU B 133 0.03 16.51 -9.55
N GLU B 134 -0.61 16.83 -10.65
CA GLU B 134 0.14 17.35 -11.76
C GLU B 134 0.94 18.58 -11.42
N GLU B 135 0.37 19.48 -10.61
CA GLU B 135 1.12 20.69 -10.27
C GLU B 135 2.43 20.42 -9.64
N TYR B 136 2.66 19.17 -9.34
CA TYR B 136 3.89 18.75 -8.74
C TYR B 136 4.71 17.78 -9.55
N ARG B 137 4.33 17.59 -10.83
CA ARG B 137 5.07 16.71 -11.73
C ARG B 137 6.58 17.04 -11.62
N HIS B 138 6.90 18.21 -11.15
CA HIS B 138 8.27 18.46 -11.04
C HIS B 138 8.90 17.61 -9.96
N ILE B 139 8.21 17.31 -8.88
CA ILE B 139 8.93 16.46 -7.95
C ILE B 139 8.62 15.04 -8.44
N PRO B 140 9.62 14.17 -8.47
CA PRO B 140 9.44 12.79 -8.96
C PRO B 140 8.44 12.08 -8.12
N MET B 141 7.69 11.15 -8.69
CA MET B 141 6.71 10.45 -7.87
C MET B 141 6.09 9.20 -8.47
N VAL B 142 5.61 8.34 -7.58
CA VAL B 142 4.92 7.14 -8.04
C VAL B 142 3.68 6.83 -7.21
N VAL B 143 2.56 6.63 -7.90
CA VAL B 143 1.33 6.27 -7.24
C VAL B 143 1.39 4.74 -7.18
N MET B 144 1.23 4.21 -5.98
CA MET B 144 1.30 2.79 -5.81
C MET B 144 -0.08 2.12 -5.78
N ASP B 145 -1.16 2.82 -6.17
CA ASP B 145 -2.46 2.15 -6.05
C ASP B 145 -3.51 2.29 -7.13
N TRP B 146 -3.12 2.65 -8.34
CA TRP B 146 -4.12 2.74 -9.42
C TRP B 146 -4.06 1.36 -10.08
N GLY B 147 -5.06 1.01 -10.87
CA GLY B 147 -4.98 -0.31 -11.50
C GLY B 147 -4.45 -0.27 -12.91
N GLU B 148 -4.67 0.84 -13.60
CA GLU B 148 -4.20 1.01 -14.97
C GLU B 148 -3.47 2.31 -14.79
N ALA B 149 -2.92 2.90 -15.85
CA ALA B 149 -2.20 4.16 -15.62
C ALA B 149 -2.92 5.46 -15.93
N LYS B 150 -3.58 5.99 -14.92
CA LYS B 150 -4.33 7.23 -14.99
C LYS B 150 -3.59 8.47 -15.54
N ALA B 151 -2.25 8.51 -15.45
CA ALA B 151 -1.50 9.68 -15.91
C ALA B 151 -0.18 9.34 -16.43
N ASP B 152 0.23 10.27 -17.25
CA ASP B 152 1.48 10.26 -17.95
C ASP B 152 2.60 10.95 -17.14
N PHE B 153 2.29 11.58 -16.03
CA PHE B 153 3.37 12.23 -15.32
C PHE B 153 3.69 11.50 -13.99
N THR B 154 3.78 10.17 -14.05
CA THR B 154 4.07 9.33 -12.87
C THR B 154 4.41 7.90 -13.20
N ASP B 155 5.00 7.28 -12.20
CA ASP B 155 5.35 5.87 -12.30
C ASP B 155 4.17 5.20 -11.62
N ALA B 156 3.86 4.02 -12.11
CA ALA B 156 2.74 3.32 -11.57
C ALA B 156 3.07 1.86 -11.43
N VAL B 157 2.61 1.34 -10.31
CA VAL B 157 2.78 -0.05 -9.97
C VAL B 157 1.36 -0.58 -10.00
N ILE B 158 1.12 -1.62 -10.79
CA ILE B 158 -0.23 -2.14 -10.89
C ILE B 158 -0.42 -3.53 -10.25
N ASP B 159 -1.49 -3.65 -9.48
CA ASP B 159 -1.78 -4.90 -8.77
C ASP B 159 -2.49 -6.03 -9.42
N ASN B 160 -3.02 -5.86 -10.63
CA ASN B 160 -3.72 -6.98 -11.24
C ASN B 160 -4.86 -7.39 -10.35
N ALA B 161 -5.53 -6.37 -9.81
CA ALA B 161 -6.63 -6.56 -8.88
C ALA B 161 -7.77 -7.33 -9.49
N PHE B 162 -8.00 -7.10 -10.77
CA PHE B 162 -9.08 -7.76 -11.48
C PHE B 162 -8.83 -9.21 -11.63
N GLU B 163 -7.59 -9.59 -11.94
CA GLU B 163 -7.30 -11.00 -12.13
C GLU B 163 -7.42 -11.66 -10.78
N GLY B 164 -7.32 -10.86 -9.74
CA GLY B 164 -7.43 -11.40 -8.41
C GLY B 164 -8.89 -11.70 -8.15
N GLY B 165 -9.76 -10.79 -8.62
CA GLY B 165 -11.21 -10.83 -8.50
C GLY B 165 -11.63 -12.14 -9.10
N TYR B 166 -11.16 -12.36 -10.35
CA TYR B 166 -11.46 -13.56 -11.14
C TYR B 166 -11.02 -14.82 -10.46
N MET B 167 -9.85 -14.79 -9.88
CA MET B 167 -9.33 -15.95 -9.21
C MET B 167 -10.29 -16.39 -8.14
N ALA B 168 -10.72 -15.40 -7.37
CA ALA B 168 -11.65 -15.67 -6.30
C ALA B 168 -12.94 -16.40 -6.72
N GLY B 169 -13.56 -15.81 -7.74
CA GLY B 169 -14.79 -16.35 -8.28
C GLY B 169 -14.54 -17.79 -8.61
N ARG B 170 -13.63 -17.99 -9.58
CA ARG B 170 -13.26 -19.32 -10.03
C ARG B 170 -13.20 -20.35 -8.92
N TYR B 171 -12.49 -20.02 -7.86
CA TYR B 171 -12.36 -20.94 -6.74
C TYR B 171 -13.71 -21.41 -6.24
N LEU B 172 -14.54 -20.47 -5.83
CA LEU B 172 -15.86 -20.83 -5.37
C LEU B 172 -16.57 -21.71 -6.37
N ILE B 173 -16.42 -21.33 -7.63
CA ILE B 173 -17.07 -22.04 -8.69
C ILE B 173 -16.63 -23.47 -8.78
N GLU B 174 -15.34 -23.66 -8.82
CA GLU B 174 -14.80 -24.99 -8.92
C GLU B 174 -14.98 -25.71 -7.60
N ARG B 175 -15.55 -25.04 -6.60
CA ARG B 175 -15.75 -25.71 -5.34
C ARG B 175 -17.13 -26.24 -5.13
N GLY B 176 -17.98 -25.97 -6.11
CA GLY B 176 -19.33 -26.48 -6.07
C GLY B 176 -20.33 -25.44 -5.88
N HIS B 177 -19.84 -24.21 -5.79
CA HIS B 177 -20.69 -23.05 -5.55
C HIS B 177 -21.29 -22.39 -6.79
N ARG B 178 -22.58 -22.08 -6.66
CA ARG B 178 -23.34 -21.43 -7.70
C ARG B 178 -24.17 -20.33 -7.01
N GLU B 179 -24.27 -20.33 -5.67
CA GLU B 179 -25.03 -19.24 -4.99
C GLU B 179 -24.13 -18.49 -4.06
N ILE B 180 -23.60 -17.41 -4.65
CA ILE B 180 -22.61 -16.49 -4.11
C ILE B 180 -22.99 -15.05 -3.94
N GLY B 181 -22.44 -14.47 -2.92
CA GLY B 181 -22.75 -13.10 -2.65
C GLY B 181 -21.46 -12.38 -2.54
N VAL B 182 -21.56 -11.06 -2.61
CA VAL B 182 -20.40 -10.28 -2.56
C VAL B 182 -20.47 -8.95 -1.84
N ILE B 183 -19.46 -8.74 -1.01
CA ILE B 183 -19.37 -7.51 -0.28
C ILE B 183 -18.14 -6.81 -0.84
N PRO B 184 -18.34 -5.99 -1.85
CA PRO B 184 -17.20 -5.30 -2.44
C PRO B 184 -16.79 -4.11 -1.57
N GLY B 185 -15.67 -3.52 -1.91
CA GLY B 185 -15.25 -2.36 -1.15
C GLY B 185 -15.63 -1.19 -2.04
N PRO B 186 -15.43 0.01 -1.53
CA PRO B 186 -15.71 1.27 -2.22
C PRO B 186 -15.34 1.25 -3.67
N LEU B 187 -16.35 1.43 -4.49
CA LEU B 187 -16.14 1.41 -5.92
C LEU B 187 -15.29 2.52 -6.52
N GLU B 188 -15.00 3.54 -5.74
CA GLU B 188 -14.16 4.57 -6.33
C GLU B 188 -12.69 4.26 -6.13
N ARG B 189 -12.45 3.04 -5.65
CA ARG B 189 -11.11 2.52 -5.41
C ARG B 189 -10.90 1.33 -6.33
N ASN B 190 -9.64 1.06 -6.61
CA ASN B 190 -9.24 -0.02 -7.50
C ASN B 190 -9.53 -1.40 -6.94
N THR B 191 -8.93 -1.60 -5.76
CA THR B 191 -9.01 -2.79 -4.92
C THR B 191 -10.51 -2.96 -4.62
N GLY B 192 -11.31 -1.89 -4.94
CA GLY B 192 -12.76 -1.83 -4.76
C GLY B 192 -13.40 -2.36 -6.07
N ALA B 193 -13.50 -1.49 -7.06
CA ALA B 193 -14.05 -1.79 -8.37
C ALA B 193 -13.46 -2.98 -9.04
N GLY B 194 -12.15 -2.84 -9.18
CA GLY B 194 -11.34 -3.79 -9.85
C GLY B 194 -11.47 -5.20 -9.37
N ARG B 195 -11.67 -5.40 -8.09
CA ARG B 195 -11.74 -6.78 -7.66
C ARG B 195 -13.12 -7.31 -7.97
N LEU B 196 -14.10 -6.42 -7.89
CA LEU B 196 -15.47 -6.81 -8.11
C LEU B 196 -15.70 -7.30 -9.48
N ALA B 197 -15.12 -6.58 -10.40
CA ALA B 197 -15.26 -6.92 -11.80
C ALA B 197 -14.55 -8.22 -12.11
N GLY B 198 -13.37 -8.41 -11.54
CA GLY B 198 -12.59 -9.63 -11.80
C GLY B 198 -13.49 -10.80 -11.43
N PHE B 199 -14.13 -10.64 -10.29
CA PHE B 199 -15.11 -11.57 -9.75
C PHE B 199 -16.34 -11.60 -10.68
N MET B 200 -16.79 -10.46 -11.13
CA MET B 200 -17.96 -10.56 -11.94
C MET B 200 -17.79 -11.21 -13.31
N LYS B 201 -16.57 -11.30 -13.83
CA LYS B 201 -16.39 -11.93 -15.15
C LYS B 201 -16.60 -13.44 -15.00
N ALA B 202 -15.89 -13.99 -14.02
CA ALA B 202 -15.97 -15.41 -13.71
C ALA B 202 -17.45 -15.86 -13.60
N MET B 203 -18.28 -15.02 -12.97
CA MET B 203 -19.69 -15.33 -12.78
C MET B 203 -20.38 -15.44 -14.13
N GLU B 204 -20.27 -14.36 -14.89
CA GLU B 204 -20.83 -14.21 -16.23
C GLU B 204 -20.34 -15.42 -17.05
N GLU B 205 -19.07 -15.72 -16.88
CA GLU B 205 -18.43 -16.83 -17.61
C GLU B 205 -19.10 -18.13 -17.30
N ALA B 206 -19.64 -18.21 -16.09
CA ALA B 206 -20.23 -19.43 -15.58
C ALA B 206 -21.69 -19.43 -15.59
N MET B 207 -22.25 -18.34 -16.09
CA MET B 207 -23.66 -18.26 -16.11
C MET B 207 -24.28 -18.18 -14.71
N ILE B 208 -23.48 -17.69 -13.74
CA ILE B 208 -24.02 -17.49 -12.40
C ILE B 208 -24.45 -15.98 -12.47
N LYS B 209 -25.56 -15.63 -11.85
CA LYS B 209 -26.09 -14.26 -11.83
C LYS B 209 -26.08 -13.87 -10.38
N VAL B 210 -25.67 -12.69 -10.04
CA VAL B 210 -25.78 -12.49 -8.62
C VAL B 210 -26.86 -11.45 -8.41
N PRO B 211 -27.89 -11.92 -7.72
CA PRO B 211 -29.13 -11.23 -7.36
C PRO B 211 -28.65 -10.07 -6.51
N GLU B 212 -29.00 -8.86 -6.92
CA GLU B 212 -28.57 -7.63 -6.26
C GLU B 212 -28.74 -7.55 -4.80
N SER B 213 -29.67 -8.34 -4.30
CA SER B 213 -29.90 -8.37 -2.87
C SER B 213 -28.76 -9.13 -2.24
N TRP B 214 -27.82 -9.56 -3.08
CA TRP B 214 -26.67 -10.35 -2.59
C TRP B 214 -25.33 -9.66 -2.65
N ILE B 215 -25.35 -8.40 -3.06
CA ILE B 215 -24.13 -7.68 -3.16
C ILE B 215 -24.22 -6.44 -2.25
N VAL B 216 -23.31 -6.38 -1.30
CA VAL B 216 -23.37 -5.30 -0.35
C VAL B 216 -22.04 -4.65 -0.17
N GLN B 217 -22.10 -3.35 -0.45
CA GLN B 217 -20.94 -2.49 -0.38
C GLN B 217 -20.43 -2.41 1.00
N GLY B 218 -19.10 -2.44 1.08
CA GLY B 218 -18.37 -2.30 2.31
C GLY B 218 -17.48 -1.04 2.11
N ASP B 219 -16.59 -0.81 3.08
CA ASP B 219 -15.69 0.32 3.08
C ASP B 219 -14.31 -0.12 3.62
N PHE B 220 -14.09 -1.44 3.65
CA PHE B 220 -12.85 -2.13 4.12
C PHE B 220 -12.67 -2.24 5.64
N GLU B 221 -13.53 -1.57 6.36
CA GLU B 221 -13.48 -1.58 7.83
C GLU B 221 -14.42 -2.67 8.32
N PRO B 222 -13.99 -3.39 9.32
CA PRO B 222 -14.75 -4.49 9.87
C PRO B 222 -16.20 -4.29 10.09
N GLU B 223 -16.55 -3.14 10.62
CA GLU B 223 -17.95 -2.95 10.84
C GLU B 223 -18.73 -3.05 9.53
N SER B 224 -18.11 -2.63 8.44
CA SER B 224 -18.83 -2.66 7.19
C SER B 224 -19.24 -4.05 6.76
N GLY B 225 -18.33 -4.97 7.05
CA GLY B 225 -18.56 -6.37 6.73
C GLY B 225 -19.55 -7.05 7.67
N TYR B 226 -19.55 -6.60 8.92
CA TYR B 226 -20.43 -7.10 9.93
C TYR B 226 -21.85 -6.91 9.37
N ARG B 227 -22.24 -5.67 9.14
CA ARG B 227 -23.59 -5.34 8.58
C ARG B 227 -23.87 -6.04 7.25
N ALA B 228 -22.87 -6.04 6.37
CA ALA B 228 -23.03 -6.70 5.07
C ALA B 228 -23.50 -8.15 5.29
N MET B 229 -22.63 -8.98 5.88
CA MET B 229 -22.91 -10.39 6.18
C MET B 229 -24.30 -10.54 6.67
N GLN B 230 -24.58 -9.74 7.68
CA GLN B 230 -25.88 -9.70 8.33
C GLN B 230 -26.98 -9.61 7.33
N GLN B 231 -27.03 -8.48 6.64
CA GLN B 231 -28.00 -8.24 5.61
C GLN B 231 -28.04 -9.45 4.68
N ILE B 232 -26.91 -10.08 4.44
CA ILE B 232 -27.05 -11.21 3.53
C ILE B 232 -27.76 -12.41 4.12
N LEU B 233 -27.17 -12.97 5.16
CA LEU B 233 -27.74 -14.11 5.84
C LEU B 233 -29.12 -13.77 6.40
N SER B 234 -29.42 -12.47 6.55
CA SER B 234 -30.70 -12.07 7.14
C SER B 234 -31.80 -12.10 6.17
N GLN B 235 -31.72 -13.00 5.22
CA GLN B 235 -32.73 -13.05 4.22
C GLN B 235 -33.28 -14.42 3.82
N PRO B 236 -34.50 -14.42 3.29
CA PRO B 236 -35.21 -15.64 2.93
C PRO B 236 -34.34 -16.69 2.32
N HIS B 237 -33.74 -16.26 1.23
CA HIS B 237 -32.88 -17.06 0.43
C HIS B 237 -31.45 -16.56 0.54
N ARG B 238 -30.53 -17.38 1.02
CA ARG B 238 -29.17 -16.85 1.08
C ARG B 238 -28.21 -17.69 0.28
N PRO B 239 -27.08 -17.09 -0.08
CA PRO B 239 -26.05 -17.76 -0.87
C PRO B 239 -25.35 -18.77 0.01
N THR B 240 -24.56 -19.65 -0.63
CA THR B 240 -23.81 -20.68 0.10
C THR B 240 -22.42 -20.19 0.21
N ALA B 241 -22.16 -19.11 -0.48
CA ALA B 241 -20.84 -18.71 -0.34
C ALA B 241 -20.71 -17.28 -0.61
N VAL B 242 -19.68 -16.76 0.02
CA VAL B 242 -19.36 -15.36 -0.07
C VAL B 242 -17.96 -14.87 -0.32
N PHE B 243 -17.93 -13.92 -1.24
CA PHE B 243 -16.68 -13.29 -1.61
C PHE B 243 -16.67 -11.92 -1.01
N CYS B 244 -15.74 -11.75 -0.05
CA CYS B 244 -15.54 -10.50 0.68
C CYS B 244 -14.26 -9.75 0.19
N GLY B 245 -14.48 -8.52 -0.30
CA GLY B 245 -13.46 -7.60 -0.87
C GLY B 245 -12.15 -7.36 -0.14
N GLY B 246 -12.14 -7.59 1.18
CA GLY B 246 -10.94 -7.39 2.02
C GLY B 246 -10.92 -8.29 3.27
N ASP B 247 -9.75 -8.70 3.68
CA ASP B 247 -9.72 -9.54 4.84
C ASP B 247 -10.32 -8.93 6.13
N ILE B 248 -9.98 -7.68 6.41
CA ILE B 248 -10.49 -7.06 7.64
C ILE B 248 -12.02 -7.08 7.69
N MET B 249 -12.65 -6.76 6.57
CA MET B 249 -14.12 -6.81 6.53
C MET B 249 -14.55 -8.31 6.75
N ALA B 250 -13.78 -9.20 6.15
CA ALA B 250 -14.07 -10.63 6.19
C ALA B 250 -14.25 -11.08 7.62
N MET B 251 -13.21 -10.65 8.33
CA MET B 251 -13.02 -10.79 9.73
C MET B 251 -14.29 -10.20 10.28
N GLY B 252 -14.88 -9.19 9.69
CA GLY B 252 -16.12 -8.71 10.32
C GLY B 252 -17.28 -9.58 9.91
N ALA B 253 -17.26 -10.02 8.67
CA ALA B 253 -18.29 -10.89 8.15
C ALA B 253 -18.30 -12.14 9.03
N LEU B 254 -17.11 -12.61 9.42
CA LEU B 254 -16.93 -13.80 10.25
C LEU B 254 -17.70 -13.74 11.51
N CYS B 255 -17.37 -12.74 12.34
CA CYS B 255 -18.02 -12.50 13.66
C CYS B 255 -19.59 -12.50 13.58
N ALA B 256 -20.13 -11.69 12.71
CA ALA B 256 -21.60 -11.65 12.48
C ALA B 256 -22.27 -13.01 12.18
N ALA B 257 -21.65 -13.84 11.32
CA ALA B 257 -22.19 -15.17 10.94
C ALA B 257 -22.28 -15.90 12.23
N ASP B 258 -21.16 -15.85 12.95
CA ASP B 258 -21.03 -16.48 14.26
C ASP B 258 -22.10 -15.92 15.12
N GLU B 259 -22.31 -14.62 15.04
CA GLU B 259 -23.37 -14.11 15.89
C GLU B 259 -24.78 -14.51 15.50
N MET B 260 -24.98 -15.03 14.28
CA MET B 260 -26.32 -15.45 13.95
C MET B 260 -26.33 -16.94 14.06
N GLY B 261 -25.38 -17.44 14.82
CA GLY B 261 -25.31 -18.87 15.00
C GLY B 261 -24.99 -19.65 13.73
N LEU B 262 -24.44 -18.97 12.72
CA LEU B 262 -24.06 -19.63 11.47
C LEU B 262 -22.64 -20.13 11.57
N ARG B 263 -22.44 -21.30 10.99
CA ARG B 263 -21.15 -21.95 11.00
C ARG B 263 -20.43 -21.71 9.70
N VAL B 264 -19.19 -21.31 9.81
CA VAL B 264 -18.34 -21.06 8.64
C VAL B 264 -17.15 -21.97 8.83
N PRO B 265 -16.81 -22.75 7.81
CA PRO B 265 -17.50 -22.66 6.54
C PRO B 265 -18.65 -23.60 6.42
N GLN B 266 -18.92 -24.37 7.46
CA GLN B 266 -19.99 -25.32 7.34
C GLN B 266 -21.35 -24.75 6.96
N ASP B 267 -21.68 -23.55 7.35
CA ASP B 267 -22.97 -23.05 6.91
C ASP B 267 -22.83 -22.11 5.76
N VAL B 268 -21.72 -21.35 5.74
CA VAL B 268 -21.39 -20.37 4.68
C VAL B 268 -19.93 -20.37 4.56
N SER B 269 -19.53 -20.20 3.31
CA SER B 269 -18.17 -20.22 2.96
C SER B 269 -17.69 -18.81 2.78
N LEU B 270 -16.46 -18.55 3.12
CA LEU B 270 -16.07 -17.19 2.92
C LEU B 270 -14.75 -17.15 2.35
N ILE B 271 -14.57 -16.31 1.34
CA ILE B 271 -13.26 -16.12 0.78
C ILE B 271 -13.05 -14.63 0.80
N GLY B 272 -11.92 -14.25 1.37
CA GLY B 272 -11.59 -12.84 1.47
C GLY B 272 -10.64 -12.33 0.41
N TYR B 273 -9.81 -11.41 0.81
CA TYR B 273 -8.91 -10.86 -0.13
C TYR B 273 -8.03 -9.89 0.55
N ASP B 274 -6.74 -10.17 0.42
CA ASP B 274 -5.61 -9.37 0.89
C ASP B 274 -4.50 -10.16 1.46
N ASN B 275 -4.89 -11.16 2.21
CA ASN B 275 -3.96 -12.04 2.91
C ASN B 275 -3.15 -11.18 3.82
N VAL B 276 -3.85 -10.53 4.76
CA VAL B 276 -3.22 -9.65 5.77
C VAL B 276 -2.44 -10.50 6.71
N ARG B 277 -1.34 -9.95 7.20
CA ARG B 277 -0.47 -10.64 8.15
C ARG B 277 -1.12 -11.62 9.10
N ASN B 278 -2.32 -11.36 9.53
CA ASN B 278 -2.80 -12.33 10.44
C ASN B 278 -4.17 -12.94 10.21
N ALA B 279 -4.44 -13.16 8.94
CA ALA B 279 -5.68 -13.76 8.54
C ALA B 279 -5.65 -15.24 8.87
N ARG B 280 -4.46 -15.77 8.98
CA ARG B 280 -4.34 -17.18 9.29
C ARG B 280 -4.79 -17.43 10.71
N TYR B 281 -4.90 -16.37 11.48
CA TYR B 281 -5.31 -16.56 12.85
C TYR B 281 -6.68 -16.05 13.00
N PHE B 282 -7.33 -15.90 11.87
CA PHE B 282 -8.71 -15.52 11.84
C PHE B 282 -9.34 -16.72 12.32
N THR B 283 -10.60 -16.68 12.53
CA THR B 283 -10.97 -17.89 13.03
C THR B 283 -12.09 -18.07 12.20
N PRO B 284 -12.31 -19.15 11.56
CA PRO B 284 -11.77 -20.30 10.86
C PRO B 284 -10.57 -19.65 10.08
N ALA B 285 -9.41 -20.33 10.02
CA ALA B 285 -8.25 -19.73 9.30
C ALA B 285 -8.77 -19.30 7.92
N LEU B 286 -8.60 -18.04 7.59
CA LEU B 286 -9.11 -17.47 6.34
C LEU B 286 -8.47 -17.82 5.03
N THR B 287 -9.28 -18.27 4.10
CA THR B 287 -8.83 -18.60 2.75
C THR B 287 -9.04 -17.25 2.04
N THR B 288 -7.96 -16.75 1.47
CA THR B 288 -8.04 -15.49 0.79
C THR B 288 -7.04 -15.39 -0.31
N ILE B 289 -7.20 -14.33 -1.09
CA ILE B 289 -6.30 -14.03 -2.18
C ILE B 289 -5.17 -13.19 -1.56
N HIS B 290 -3.93 -13.59 -1.82
CA HIS B 290 -2.81 -12.82 -1.28
C HIS B 290 -2.30 -11.78 -2.19
N GLN B 291 -2.12 -10.59 -1.62
CA GLN B 291 -1.60 -9.42 -2.33
C GLN B 291 -0.17 -9.20 -1.87
N PRO B 292 0.74 -9.16 -2.82
CA PRO B 292 2.15 -9.01 -2.52
C PRO B 292 2.35 -7.67 -1.89
N LYS B 293 2.39 -7.52 -0.57
CA LYS B 293 2.59 -6.15 -0.22
C LYS B 293 4.00 -5.66 -0.02
N ASP B 294 4.93 -6.54 0.30
CA ASP B 294 6.36 -6.10 0.49
C ASP B 294 6.94 -5.70 -0.86
N SER B 295 6.59 -6.50 -1.84
CA SER B 295 7.04 -6.31 -3.20
C SER B 295 6.32 -5.14 -3.74
N LEU B 296 5.13 -4.88 -3.26
CA LEU B 296 4.45 -3.72 -3.81
C LEU B 296 5.24 -2.53 -3.28
N GLY B 297 5.71 -2.61 -2.06
CA GLY B 297 6.46 -1.48 -1.51
C GLY B 297 7.87 -1.33 -2.09
N GLU B 298 8.61 -2.42 -2.07
CA GLU B 298 9.96 -2.32 -2.53
C GLU B 298 9.96 -1.96 -3.94
N THR B 299 9.01 -2.47 -4.68
CA THR B 299 9.03 -2.13 -6.09
C THR B 299 8.78 -0.66 -6.31
N ALA B 300 7.85 -0.11 -5.54
CA ALA B 300 7.53 1.32 -5.65
C ALA B 300 8.74 2.20 -5.35
N PHE B 301 9.43 1.85 -4.26
CA PHE B 301 10.57 2.62 -3.85
C PHE B 301 11.54 2.67 -4.97
N ASN B 302 11.67 1.49 -5.56
CA ASN B 302 12.62 1.33 -6.62
C ASN B 302 12.42 2.20 -7.86
N MET B 303 11.21 2.21 -8.36
CA MET B 303 10.98 3.02 -9.51
C MET B 303 11.29 4.48 -9.12
N LEU B 304 10.97 4.89 -7.89
CA LEU B 304 11.24 6.26 -7.45
C LEU B 304 12.72 6.56 -7.39
N LEU B 305 13.47 5.65 -6.81
CA LEU B 305 14.88 5.87 -6.72
C LEU B 305 15.48 6.11 -8.06
N ASP B 306 15.10 5.23 -8.97
CA ASP B 306 15.56 5.27 -10.32
C ASP B 306 15.42 6.67 -10.82
N ARG B 307 14.16 7.10 -10.95
CA ARG B 307 13.81 8.43 -11.45
C ARG B 307 14.73 9.40 -10.75
N ILE B 308 14.67 9.36 -9.43
CA ILE B 308 15.49 10.21 -8.62
C ILE B 308 16.94 10.08 -9.02
N VAL B 309 17.55 8.94 -8.74
CA VAL B 309 18.95 8.85 -9.15
C VAL B 309 19.30 8.87 -10.63
N ASN B 310 18.89 7.90 -11.42
CA ASN B 310 19.23 7.94 -12.85
C ASN B 310 18.38 8.92 -13.60
N LYS B 311 18.01 10.01 -12.93
CA LYS B 311 17.17 11.06 -13.51
C LYS B 311 16.21 10.74 -14.62
N ARG B 312 15.35 9.73 -14.43
CA ARG B 312 14.40 9.40 -15.47
C ARG B 312 13.30 10.41 -15.75
N GLU B 313 12.85 10.42 -16.97
CA GLU B 313 11.88 11.36 -17.43
C GLU B 313 10.57 10.73 -17.81
N GLU B 314 10.69 9.57 -18.43
CA GLU B 314 9.54 8.83 -18.86
C GLU B 314 8.99 7.97 -17.74
N PRO B 315 7.67 7.94 -17.77
CA PRO B 315 6.81 7.23 -16.88
C PRO B 315 7.02 5.75 -17.12
N GLN B 316 6.72 4.98 -16.10
CA GLN B 316 6.93 3.61 -16.24
C GLN B 316 5.86 2.99 -15.41
N SER B 317 5.68 1.67 -15.58
CA SER B 317 4.67 0.87 -14.86
C SER B 317 4.93 -0.63 -14.67
N ILE B 318 5.07 -1.07 -13.44
CA ILE B 318 5.28 -2.47 -13.22
C ILE B 318 4.08 -3.07 -12.56
N GLU B 319 3.71 -4.22 -13.11
CA GLU B 319 2.62 -5.06 -12.67
C GLU B 319 3.19 -5.98 -11.55
N VAL B 320 2.26 -6.44 -10.74
CA VAL B 320 2.53 -7.31 -9.61
C VAL B 320 1.39 -8.36 -9.61
N HIS B 321 1.56 -9.50 -8.98
CA HIS B 321 0.46 -10.46 -9.06
C HIS B 321 -0.08 -11.06 -7.81
N PRO B 322 -1.40 -11.05 -7.69
CA PRO B 322 -2.09 -11.62 -6.54
C PRO B 322 -2.04 -13.15 -6.64
N ARG B 323 -2.32 -13.85 -5.56
CA ARG B 323 -2.33 -15.31 -5.71
C ARG B 323 -3.11 -15.94 -4.57
N LEU B 324 -3.88 -16.99 -4.91
CA LEU B 324 -4.77 -17.72 -3.96
C LEU B 324 -4.07 -18.42 -2.85
N ILE B 325 -4.59 -18.25 -1.63
CA ILE B 325 -4.04 -18.95 -0.46
C ILE B 325 -5.20 -19.77 0.02
N GLU B 326 -5.07 -21.08 0.01
CA GLU B 326 -6.17 -21.86 0.51
C GLU B 326 -6.05 -22.01 2.03
N ARG B 327 -7.06 -21.63 2.82
CA ARG B 327 -6.99 -21.79 4.27
C ARG B 327 -8.12 -22.64 4.84
N ARG B 328 -8.89 -22.21 5.81
CA ARG B 328 -9.90 -23.18 6.18
C ARG B 328 -11.30 -22.70 6.12
N SER B 329 -11.51 -21.53 5.53
CA SER B 329 -12.85 -20.91 5.46
C SER B 329 -13.78 -21.32 4.28
N VAL B 330 -13.34 -22.27 3.47
CA VAL B 330 -14.19 -22.68 2.37
C VAL B 330 -14.41 -24.15 2.32
N ALA B 331 -15.61 -24.50 1.88
CA ALA B 331 -16.09 -25.85 1.78
C ALA B 331 -16.75 -26.17 0.44
N ASP B 332 -16.73 -27.47 0.08
CA ASP B 332 -17.35 -27.88 -1.19
C ASP B 332 -18.77 -27.40 -1.34
N GLY B 333 -19.20 -26.99 -2.52
CA GLY B 333 -20.56 -26.52 -2.65
C GLY B 333 -21.31 -27.73 -3.25
N PRO B 334 -22.60 -27.54 -3.39
CA PRO B 334 -23.56 -28.49 -3.96
C PRO B 334 -23.24 -29.07 -5.36
N PHE B 335 -22.46 -28.35 -6.14
CA PHE B 335 -22.15 -28.84 -7.46
C PHE B 335 -20.77 -29.43 -7.65
N ARG B 336 -19.94 -29.45 -6.60
CA ARG B 336 -18.57 -30.01 -6.71
C ARG B 336 -18.48 -31.30 -7.50
N ASP B 337 -19.32 -32.26 -7.12
CA ASP B 337 -19.38 -33.57 -7.74
C ASP B 337 -19.90 -33.64 -9.14
N TYR B 338 -20.70 -32.66 -9.51
CA TYR B 338 -21.27 -32.63 -10.84
C TYR B 338 -20.47 -31.78 -11.72
N ARG B 339 -19.21 -32.20 -12.13
CA ARG B 339 -18.36 -31.36 -13.04
C ARG B 339 -17.32 -32.12 -13.82
#